data_3V31
#
_entry.id   3V31
#
_cell.length_a   29.663
_cell.length_b   52.822
_cell.length_c   51.556
_cell.angle_alpha   90.000
_cell.angle_beta   98.010
_cell.angle_gamma   90.000
#
_symmetry.space_group_name_H-M   'P 1 21 1'
#
loop_
_entity.id
_entity.type
_entity.pdbx_description
1 polymer 'Ankyrin repeat family A protein 2'
2 polymer 'Histone deacetylase 4'
3 non-polymer 'CHLORIDE ION'
4 non-polymer 'SODIUM ION'
5 water water
#
loop_
_entity_poly.entity_id
_entity_poly.type
_entity_poly.pdbx_seq_one_letter_code
_entity_poly.pdbx_strand_id
1 'polypeptide(L)'
;GANSLSVHQLAAQGEMLYLATRIEQENVINHTDEEGFTPLMWAAAHGQIAVVEFLLQNGADPQLLGKGRESALSLACSKG
YTDIVKMLLDCGVDVNEYDWNGGTPLLYAVHGNHVKCVKMLLESGADPTIETDSGYNSMDLAVALGYRSVQQVIESHLLK
LLQNIKE
;
A
2 'polypeptide(L)' (ACE)LPLYTSPSLPNITLGLP B
#
loop_
_chem_comp.id
_chem_comp.type
_chem_comp.name
_chem_comp.formula
ACE non-polymer 'ACETYL GROUP' 'C2 H4 O'
CL non-polymer 'CHLORIDE ION' 'Cl -1'
NA non-polymer 'SODIUM ION' 'Na 1'
#
# COMPACT_ATOMS: atom_id res chain seq x y z
N GLY A 1 1.50 -16.45 -25.97
CA GLY A 1 0.40 -16.31 -26.99
C GLY A 1 -0.33 -14.99 -26.83
N ALA A 2 -1.15 -14.67 -27.82
CA ALA A 2 -1.93 -13.43 -27.84
C ALA A 2 -2.82 -13.30 -26.61
N ASN A 3 -3.31 -14.42 -26.09
CA ASN A 3 -4.18 -14.38 -24.92
C ASN A 3 -3.52 -14.89 -23.64
N SER A 4 -2.20 -15.05 -23.67
CA SER A 4 -1.46 -15.40 -22.47
C SER A 4 -1.50 -14.25 -21.46
N LEU A 5 -1.62 -14.60 -20.19
CA LEU A 5 -1.66 -13.58 -19.15
C LEU A 5 -0.31 -12.88 -18.99
N SER A 6 -0.34 -11.58 -18.76
CA SER A 6 0.88 -10.85 -18.42
C SER A 6 1.40 -11.26 -17.05
N VAL A 7 2.65 -10.95 -16.81
CA VAL A 7 3.23 -11.19 -15.49
C VAL A 7 2.41 -10.54 -14.38
N HIS A 8 1.89 -9.34 -14.66
CA HIS A 8 1.06 -8.63 -13.69
C HIS A 8 -0.21 -9.40 -13.37
N GLN A 9 -0.85 -9.95 -14.40
CA GLN A 9 -2.03 -10.78 -14.20
C GLN A 9 -1.74 -12.08 -13.48
N LEU A 10 -0.62 -12.72 -13.81
CA LEU A 10 -0.26 -13.95 -13.09
C LEU A 10 -0.10 -13.67 -11.59
N ALA A 11 0.51 -12.54 -11.26
CA ALA A 11 0.70 -12.16 -9.86
C ALA A 11 -0.64 -11.82 -9.21
N ALA A 12 -1.45 -11.04 -9.91
CA ALA A 12 -2.77 -10.66 -9.36
C ALA A 12 -3.72 -11.84 -9.11
N GLN A 13 -3.58 -12.89 -9.93
CA GLN A 13 -4.44 -14.08 -9.87
C GLN A 13 -3.90 -15.22 -9.01
N GLY A 14 -2.74 -14.98 -8.39
CA GLY A 14 -2.13 -15.99 -7.52
C GLY A 14 -1.60 -17.20 -8.26
N GLU A 15 -1.23 -17.00 -9.52
CA GLU A 15 -0.73 -18.13 -10.33
C GLU A 15 0.77 -18.33 -10.12
N MET A 16 1.11 -18.89 -8.96
CA MET A 16 2.48 -19.00 -8.47
C MET A 16 3.39 -19.75 -9.43
N LEU A 17 2.98 -20.93 -9.85
CA LEU A 17 3.83 -21.74 -10.75
C LEU A 17 4.09 -21.01 -12.07
N TYR A 18 3.04 -20.46 -12.68
CA TYR A 18 3.22 -19.78 -13.95
C TYR A 18 4.06 -18.52 -13.78
N LEU A 19 3.82 -17.78 -12.69
CA LEU A 19 4.65 -16.61 -12.37
C LEU A 19 6.14 -16.98 -12.21
N ALA A 20 6.41 -18.08 -11.51
CA ALA A 20 7.78 -18.55 -11.29
C ALA A 20 8.45 -18.91 -12.63
N THR A 21 7.67 -19.52 -13.52
CA THR A 21 8.17 -19.85 -14.86
C THR A 21 8.49 -18.58 -15.63
N ARG A 22 7.57 -17.62 -15.64
CA ARG A 22 7.73 -16.40 -16.40
C ARG A 22 8.95 -15.58 -15.97
N ILE A 23 9.18 -15.47 -14.66
CA ILE A 23 10.30 -14.64 -14.16
C ILE A 23 11.65 -15.34 -14.31
N GLU A 24 11.61 -16.65 -14.58
CA GLU A 24 12.83 -17.38 -14.95
C GLU A 24 13.16 -17.24 -16.43
N GLN A 25 12.12 -17.16 -17.26
CA GLN A 25 12.26 -17.05 -18.72
C GLN A 25 12.78 -15.70 -19.17
N GLU A 26 12.32 -14.64 -18.51
CA GLU A 26 12.64 -13.26 -18.87
C GLU A 26 12.85 -12.46 -17.59
N ASN A 27 13.62 -11.39 -17.69
CA ASN A 27 13.82 -10.50 -16.56
C ASN A 27 12.61 -9.59 -16.42
N VAL A 28 11.55 -10.08 -15.79
CA VAL A 28 10.32 -9.33 -15.71
C VAL A 28 9.78 -9.20 -14.29
N ILE A 29 10.57 -9.63 -13.30
CA ILE A 29 10.09 -9.57 -11.92
C ILE A 29 9.68 -8.15 -11.50
N ASN A 30 10.36 -7.13 -12.03
CA ASN A 30 10.03 -5.73 -11.71
C ASN A 30 9.42 -5.00 -12.90
N HIS A 31 8.92 -5.75 -13.88
CA HIS A 31 8.43 -5.12 -15.13
C HIS A 31 7.25 -4.20 -14.87
N THR A 32 7.30 -3.01 -15.44
CA THR A 32 6.24 -2.02 -15.22
C THR A 32 5.25 -2.07 -16.38
N ASP A 33 3.96 -2.05 -16.03
CA ASP A 33 2.93 -1.95 -17.05
C ASP A 33 2.70 -0.48 -17.50
N GLU A 34 1.63 -0.26 -18.26
CA GLU A 34 1.39 1.05 -18.84
C GLU A 34 1.05 2.12 -17.78
N GLU A 35 0.68 1.69 -16.58
CA GLU A 35 0.41 2.62 -15.49
C GLU A 35 1.59 2.73 -14.53
N GLY A 36 2.67 2.03 -14.87
CA GLY A 36 3.88 2.02 -14.03
C GLY A 36 3.88 0.94 -12.95
N PHE A 37 2.88 0.06 -12.98
CA PHE A 37 2.74 -0.93 -11.90
C PHE A 37 3.58 -2.16 -12.11
N THR A 38 4.17 -2.62 -11.01
CA THR A 38 4.97 -3.85 -11.02
C THR A 38 4.11 -5.06 -10.63
N PRO A 39 4.63 -6.28 -10.87
CA PRO A 39 3.87 -7.44 -10.40
C PRO A 39 3.56 -7.38 -8.89
N LEU A 40 4.53 -6.92 -8.10
CA LEU A 40 4.31 -6.77 -6.66
C LEU A 40 3.12 -5.86 -6.35
N MET A 41 3.00 -4.74 -7.04
CA MET A 41 1.88 -3.83 -6.83
C MET A 41 0.55 -4.54 -7.17
N TRP A 42 0.50 -5.27 -8.28
CA TRP A 42 -0.71 -6.01 -8.61
C TRP A 42 -1.06 -7.06 -7.57
N ALA A 43 -0.06 -7.81 -7.10
CA ALA A 43 -0.28 -8.82 -6.06
C ALA A 43 -0.76 -8.20 -4.76
N ALA A 44 -0.14 -7.09 -4.38
CA ALA A 44 -0.49 -6.39 -3.15
C ALA A 44 -1.91 -5.84 -3.23
N ALA A 45 -2.26 -5.25 -4.37
CA ALA A 45 -3.59 -4.68 -4.55
C ALA A 45 -4.70 -5.73 -4.53
N HIS A 46 -4.36 -6.98 -4.85
CA HIS A 46 -5.33 -8.05 -4.88
C HIS A 46 -5.22 -9.00 -3.69
N GLY A 47 -4.41 -8.63 -2.71
CA GLY A 47 -4.37 -9.42 -1.47
C GLY A 47 -3.74 -10.79 -1.62
N GLN A 48 -2.89 -10.95 -2.62
CA GLN A 48 -2.24 -12.25 -2.89
C GLN A 48 -1.01 -12.45 -2.03
N ILE A 49 -1.23 -12.93 -0.81
CA ILE A 49 -0.17 -13.04 0.21
C ILE A 49 0.96 -13.93 -0.28
N ALA A 50 0.64 -15.12 -0.82
CA ALA A 50 1.70 -16.05 -1.21
C ALA A 50 2.53 -15.48 -2.34
N VAL A 51 1.89 -14.78 -3.26
CA VAL A 51 2.61 -14.18 -4.38
C VAL A 51 3.49 -13.02 -3.90
N VAL A 52 2.97 -12.17 -3.00
CA VAL A 52 3.82 -11.09 -2.45
C VAL A 52 5.05 -11.70 -1.79
N GLU A 53 4.85 -12.71 -0.97
CA GLU A 53 5.97 -13.38 -0.31
C GLU A 53 6.99 -13.92 -1.34
N PHE A 54 6.48 -14.65 -2.33
CA PHE A 54 7.32 -15.24 -3.37
C PHE A 54 8.11 -14.17 -4.12
N LEU A 55 7.44 -13.07 -4.46
CA LEU A 55 8.13 -11.98 -5.18
C LEU A 55 9.22 -11.35 -4.32
N LEU A 56 8.93 -11.09 -3.07
CA LEU A 56 9.92 -10.49 -2.19
C LEU A 56 11.11 -11.44 -1.97
N GLN A 57 10.83 -12.73 -1.76
CA GLN A 57 11.89 -13.75 -1.59
C GLN A 57 12.80 -13.76 -2.82
N ASN A 58 12.20 -13.57 -3.99
CA ASN A 58 12.94 -13.59 -5.25
C ASN A 58 13.53 -12.26 -5.67
N GLY A 59 13.48 -11.28 -4.76
CA GLY A 59 14.19 -10.02 -4.93
C GLY A 59 13.45 -8.89 -5.61
N ALA A 60 12.13 -9.01 -5.79
CA ALA A 60 11.34 -7.92 -6.34
C ALA A 60 11.54 -6.67 -5.48
N ASP A 61 11.65 -5.54 -6.14
CA ASP A 61 11.89 -4.26 -5.48
C ASP A 61 10.59 -3.66 -4.94
N PRO A 62 10.41 -3.63 -3.60
CA PRO A 62 9.17 -3.10 -3.02
C PRO A 62 9.12 -1.58 -2.96
N GLN A 63 10.22 -0.92 -3.32
CA GLN A 63 10.31 0.54 -3.24
C GLN A 63 9.87 1.27 -4.51
N LEU A 64 9.66 0.55 -5.60
CA LEU A 64 9.27 1.18 -6.87
C LEU A 64 7.92 1.85 -6.78
N LEU A 65 7.73 2.86 -7.63
CA LEU A 65 6.49 3.63 -7.62
C LEU A 65 5.85 3.67 -9.00
N GLY A 66 4.53 3.63 -9.06
CA GLY A 66 3.81 3.74 -10.35
C GLY A 66 3.75 5.18 -10.86
N LYS A 67 3.02 5.37 -11.95
CA LYS A 67 3.02 6.70 -12.59
C LYS A 67 2.35 7.74 -11.71
N GLY A 68 1.42 7.31 -10.86
CA GLY A 68 0.77 8.18 -9.88
C GLY A 68 1.50 8.20 -8.54
N ARG A 69 2.73 7.67 -8.56
CA ARG A 69 3.56 7.46 -7.36
C ARG A 69 2.94 6.50 -6.34
N GLU A 70 2.14 5.56 -6.84
CA GLU A 70 1.59 4.45 -6.03
C GLU A 70 2.68 3.49 -5.64
N SER A 71 2.62 3.03 -4.39
CA SER A 71 3.53 2.04 -3.89
C SER A 71 2.78 0.77 -3.51
N ALA A 72 3.48 -0.35 -3.52
CA ALA A 72 2.88 -1.60 -3.02
C ALA A 72 2.37 -1.40 -1.60
N LEU A 73 3.14 -0.72 -0.76
CA LEU A 73 2.67 -0.48 0.62
C LEU A 73 1.33 0.30 0.67
N SER A 74 1.24 1.43 -0.03
CA SER A 74 0.00 2.20 0.01
C SER A 74 -1.18 1.42 -0.54
N LEU A 75 -0.95 0.64 -1.61
CA LEU A 75 -2.02 -0.19 -2.16
C LEU A 75 -2.50 -1.20 -1.14
N ALA A 76 -1.57 -1.86 -0.46
CA ALA A 76 -1.97 -2.83 0.56
C ALA A 76 -2.65 -2.17 1.76
N CYS A 77 -2.16 -1.01 2.16
CA CYS A 77 -2.71 -0.30 3.29
C CYS A 77 -4.14 0.14 3.02
N SER A 78 -4.40 0.59 1.79
CA SER A 78 -5.71 1.10 1.44
CA SER A 78 -5.71 1.10 1.44
C SER A 78 -6.75 0.00 1.55
N LYS A 79 -6.32 -1.23 1.31
CA LYS A 79 -7.23 -2.38 1.32
C LYS A 79 -7.24 -3.14 2.63
N GLY A 80 -6.35 -2.76 3.55
CA GLY A 80 -6.29 -3.39 4.86
C GLY A 80 -5.65 -4.75 4.88
N TYR A 81 -4.72 -4.97 3.95
CA TYR A 81 -4.10 -6.29 3.83
C TYR A 81 -2.91 -6.37 4.79
N THR A 82 -3.26 -6.55 6.06
CA THR A 82 -2.33 -6.52 7.17
C THR A 82 -1.07 -7.38 6.96
N ASP A 83 -1.23 -8.63 6.52
CA ASP A 83 -0.08 -9.53 6.41
C ASP A 83 0.89 -9.09 5.30
N ILE A 84 0.33 -8.54 4.23
CA ILE A 84 1.14 -8.00 3.14
C ILE A 84 1.86 -6.71 3.60
N VAL A 85 1.16 -5.84 4.32
CA VAL A 85 1.79 -4.66 4.90
C VAL A 85 2.97 -5.08 5.78
N LYS A 86 2.77 -6.10 6.61
CA LYS A 86 3.87 -6.59 7.48
C LYS A 86 5.08 -7.04 6.66
N MET A 87 4.84 -7.83 5.61
CA MET A 87 5.94 -8.28 4.77
C MET A 87 6.69 -7.12 4.15
N LEU A 88 5.96 -6.11 3.68
CA LEU A 88 6.60 -4.97 3.00
C LEU A 88 7.42 -4.15 4.00
N LEU A 89 6.84 -3.90 5.17
CA LEU A 89 7.58 -3.23 6.25
C LEU A 89 8.85 -4.01 6.63
N ASP A 90 8.77 -5.34 6.68
CA ASP A 90 9.93 -6.19 7.03
C ASP A 90 11.02 -6.11 5.95
N CYS A 91 10.62 -5.84 4.72
CA CYS A 91 11.57 -5.52 3.64
C CYS A 91 12.41 -4.32 3.82
N GLY A 92 11.80 -3.20 4.23
CA GLY A 92 12.48 -1.95 4.58
C GLY A 92 11.99 -0.67 3.89
N VAL A 93 10.76 -0.68 3.41
CA VAL A 93 10.21 0.38 2.55
C VAL A 93 10.02 1.69 3.30
N ASP A 94 9.82 2.79 2.59
CA ASP A 94 9.52 4.07 3.20
C ASP A 94 8.06 4.09 3.65
N VAL A 95 7.85 4.13 4.97
CA VAL A 95 6.52 4.06 5.58
C VAL A 95 5.73 5.37 5.38
N ASN A 96 6.42 6.44 5.01
CA ASN A 96 5.79 7.73 4.77
C ASN A 96 5.79 8.14 3.31
N GLU A 97 5.80 7.16 2.42
CA GLU A 97 5.91 7.42 0.99
C GLU A 97 4.75 8.27 0.48
N TYR A 98 5.06 9.40 -0.14
CA TYR A 98 4.02 10.26 -0.72
C TYR A 98 3.68 9.85 -2.14
N ASP A 99 2.40 9.96 -2.49
CA ASP A 99 2.01 9.82 -3.90
C ASP A 99 1.68 11.21 -4.42
N TRP A 100 1.36 11.29 -5.71
CA TRP A 100 1.03 12.57 -6.34
C TRP A 100 -0.22 13.29 -5.80
N ASN A 101 -0.98 12.64 -4.93
CA ASN A 101 -2.08 13.30 -4.20
C ASN A 101 -1.72 13.79 -2.79
N GLY A 102 -0.48 13.52 -2.35
CA GLY A 102 -0.07 13.85 -1.00
C GLY A 102 -0.54 12.78 -0.03
N GLY A 103 -1.11 11.71 -0.56
CA GLY A 103 -1.45 10.54 0.26
C GLY A 103 -0.20 9.80 0.72
N THR A 104 -0.33 9.14 1.87
CA THR A 104 0.73 8.30 2.41
C THR A 104 0.08 6.99 2.88
N PRO A 105 0.88 5.95 3.13
CA PRO A 105 0.29 4.69 3.62
C PRO A 105 -0.67 4.85 4.80
N LEU A 106 -0.27 5.64 5.81
CA LEU A 106 -1.14 5.83 6.97
C LEU A 106 -2.46 6.48 6.59
N LEU A 107 -2.41 7.51 5.76
CA LEU A 107 -3.64 8.16 5.34
C LEU A 107 -4.60 7.18 4.66
N TYR A 108 -4.08 6.27 3.83
CA TYR A 108 -4.93 5.26 3.23
C TYR A 108 -5.46 4.24 4.22
N ALA A 109 -4.64 3.84 5.18
CA ALA A 109 -5.09 2.92 6.22
C ALA A 109 -6.21 3.54 7.07
N VAL A 110 -6.04 4.83 7.39
CA VAL A 110 -7.07 5.59 8.13
C VAL A 110 -8.34 5.72 7.29
N HIS A 111 -8.18 6.07 6.02
CA HIS A 111 -9.33 6.23 5.15
C HIS A 111 -10.17 4.95 5.05
N GLY A 112 -9.49 3.81 5.03
CA GLY A 112 -10.17 2.52 4.89
C GLY A 112 -10.65 1.94 6.23
N ASN A 113 -10.38 2.65 7.34
CA ASN A 113 -10.74 2.19 8.70
C ASN A 113 -10.09 0.84 9.00
N HIS A 114 -8.80 0.77 8.72
CA HIS A 114 -8.04 -0.46 8.88
C HIS A 114 -7.14 -0.32 10.09
N VAL A 115 -7.71 -0.60 11.27
CA VAL A 115 -7.01 -0.28 12.53
C VAL A 115 -5.70 -1.06 12.72
N LYS A 116 -5.66 -2.35 12.35
CA LYS A 116 -4.42 -3.12 12.50
C LYS A 116 -3.30 -2.54 11.66
N CYS A 117 -3.63 -2.12 10.43
CA CYS A 117 -2.65 -1.47 9.57
C CYS A 117 -2.18 -0.14 10.16
N VAL A 118 -3.11 0.66 10.69
CA VAL A 118 -2.78 1.92 11.35
C VAL A 118 -1.78 1.67 12.48
N LYS A 119 -2.09 0.68 13.33
CA LYS A 119 -1.21 0.34 14.46
C LYS A 119 0.18 -0.03 13.99
N MET A 120 0.22 -0.93 13.01
CA MET A 120 1.48 -1.42 12.48
C MET A 120 2.33 -0.31 11.86
N LEU A 121 1.69 0.57 11.10
CA LEU A 121 2.37 1.70 10.48
C LEU A 121 2.99 2.65 11.51
N LEU A 122 2.22 2.97 12.55
CA LEU A 122 2.67 3.87 13.60
C LEU A 122 3.87 3.27 14.33
N GLU A 123 3.77 1.97 14.62
CA GLU A 123 4.88 1.20 15.21
C GLU A 123 6.15 1.24 14.36
N SER A 124 5.99 1.43 13.04
CA SER A 124 7.09 1.46 12.10
C SER A 124 7.52 2.88 11.75
N GLY A 125 6.92 3.86 12.42
CA GLY A 125 7.34 5.26 12.27
C GLY A 125 6.53 6.12 11.31
N ALA A 126 5.34 5.67 10.94
CA ALA A 126 4.44 6.49 10.13
C ALA A 126 4.09 7.76 10.91
N ASP A 127 4.10 8.87 10.20
CA ASP A 127 3.86 10.19 10.81
C ASP A 127 2.40 10.59 10.62
N PRO A 128 1.62 10.62 11.73
CA PRO A 128 0.21 11.00 11.60
C PRO A 128 -0.02 12.49 11.37
N THR A 129 1.04 13.30 11.34
CA THR A 129 0.87 14.72 11.12
C THR A 129 1.05 15.14 9.66
N ILE A 130 1.45 14.18 8.81
CA ILE A 130 1.61 14.49 7.40
C ILE A 130 0.24 14.71 6.77
N GLU A 131 0.12 15.77 5.96
CA GLU A 131 -1.15 16.19 5.40
C GLU A 131 -1.37 15.81 3.95
N THR A 132 -2.64 15.62 3.60
CA THR A 132 -3.06 15.53 2.21
C THR A 132 -2.79 16.86 1.48
N ASP A 133 -3.00 16.85 0.16
CA ASP A 133 -2.87 18.05 -0.66
C ASP A 133 -3.79 19.18 -0.15
N SER A 134 -4.95 18.80 0.39
CA SER A 134 -5.91 19.75 0.97
C SER A 134 -5.63 20.12 2.45
N GLY A 135 -4.51 19.62 2.98
CA GLY A 135 -4.04 20.05 4.30
C GLY A 135 -4.64 19.37 5.52
N TYR A 136 -5.14 18.15 5.34
CA TYR A 136 -5.64 17.37 6.48
C TYR A 136 -4.75 16.16 6.78
N ASN A 137 -4.43 15.95 8.05
CA ASN A 137 -3.55 14.84 8.44
C ASN A 137 -4.36 13.60 8.85
N SER A 138 -3.67 12.55 9.30
CA SER A 138 -4.35 11.30 9.66
C SER A 138 -5.33 11.46 10.82
N MET A 139 -4.96 12.27 11.81
CA MET A 139 -5.85 12.57 12.92
C MET A 139 -7.11 13.25 12.40
N ASP A 140 -6.92 14.26 11.56
CA ASP A 140 -8.04 15.00 10.99
C ASP A 140 -9.00 14.08 10.25
N LEU A 141 -8.44 13.15 9.46
CA LEU A 141 -9.26 12.21 8.71
C LEU A 141 -10.03 11.24 9.60
N ALA A 142 -9.35 10.72 10.62
CA ALA A 142 -9.99 9.78 11.54
C ALA A 142 -11.18 10.43 12.26
N VAL A 143 -10.99 11.69 12.65
CA VAL A 143 -12.08 12.44 13.28
C VAL A 143 -13.22 12.73 12.31
N ALA A 144 -12.89 13.24 11.13
CA ALA A 144 -13.88 13.58 10.12
C ALA A 144 -14.76 12.40 9.73
N LEU A 145 -14.16 11.21 9.67
CA LEU A 145 -14.86 10.03 9.19
C LEU A 145 -15.54 9.23 10.30
N GLY A 146 -15.29 9.60 11.55
CA GLY A 146 -15.93 8.95 12.71
C GLY A 146 -15.33 7.60 13.04
N TYR A 147 -14.07 7.41 12.66
CA TYR A 147 -13.40 6.16 12.93
C TYR A 147 -12.70 6.24 14.27
N ARG A 148 -13.46 5.96 15.32
CA ARG A 148 -13.07 6.26 16.68
C ARG A 148 -11.91 5.43 17.21
N SER A 149 -11.90 4.14 16.87
CA SER A 149 -10.81 3.27 17.27
C SER A 149 -9.53 3.72 16.60
N VAL A 150 -9.61 4.07 15.32
CA VAL A 150 -8.45 4.60 14.62
C VAL A 150 -7.96 5.91 15.28
N GLN A 151 -8.90 6.79 15.61
CA GLN A 151 -8.57 8.06 16.24
C GLN A 151 -7.83 7.84 17.55
N GLN A 152 -8.32 6.89 18.35
CA GLN A 152 -7.72 6.55 19.63
C GLN A 152 -6.29 6.07 19.47
N VAL A 153 -6.08 5.18 18.50
CA VAL A 153 -4.76 4.63 18.22
C VAL A 153 -3.77 5.75 17.85
N ILE A 154 -4.21 6.65 16.98
CA ILE A 154 -3.36 7.74 16.53
C ILE A 154 -3.06 8.68 17.69
N GLU A 155 -4.09 9.02 18.47
CA GLU A 155 -3.94 10.01 19.53
C GLU A 155 -3.05 9.51 20.68
N SER A 156 -3.23 8.24 21.03
CA SER A 156 -2.38 7.61 22.01
C SER A 156 -0.91 7.59 21.57
N HIS A 157 -0.67 7.28 20.30
CA HIS A 157 0.67 7.31 19.73
C HIS A 157 1.30 8.71 19.83
N LEU A 158 0.54 9.72 19.44
CA LEU A 158 1.04 11.09 19.48
C LEU A 158 1.33 11.54 20.90
N LEU A 159 0.47 11.16 21.83
CA LEU A 159 0.64 11.55 23.23
C LEU A 159 1.98 11.02 23.75
N LYS A 160 2.32 9.79 23.36
CA LYS A 160 3.58 9.17 23.78
C LYS A 160 4.78 9.81 23.07
N LEU A 161 4.64 10.13 21.79
CA LEU A 161 5.73 10.71 21.01
C LEU A 161 6.07 12.13 21.46
N LEU A 162 5.04 12.94 21.69
CA LEU A 162 5.27 14.33 22.07
C LEU A 162 5.87 14.46 23.45
N GLN A 163 6.92 15.27 23.57
CA GLN A 163 7.64 15.44 24.83
C GLN A 163 7.25 16.76 25.54
N ASN A 164 6.32 17.49 24.93
CA ASN A 164 5.80 18.72 25.54
C ASN A 164 4.47 18.54 26.27
N ILE A 165 4.03 17.29 26.37
CA ILE A 165 2.77 16.96 27.01
C ILE A 165 2.95 15.60 27.67
N LYS A 166 2.48 15.47 28.90
CA LYS A 166 2.72 14.25 29.68
C LYS A 166 1.41 13.58 30.07
C ACE B 1 -8.27 -16.25 -17.67
O ACE B 1 -7.19 -15.99 -18.19
CH3 ACE B 1 -8.53 -17.54 -16.90
N LEU B 2 -9.22 -15.35 -17.67
CA LEU B 2 -9.04 -14.09 -18.39
C LEU B 2 -8.41 -13.03 -17.48
N PRO B 3 -7.93 -11.90 -18.05
CA PRO B 3 -7.37 -10.88 -17.16
C PRO B 3 -8.39 -10.28 -16.19
N LEU B 4 -7.92 -9.89 -15.03
CA LEU B 4 -8.67 -9.03 -14.13
C LEU B 4 -8.62 -7.60 -14.63
N TYR B 5 -9.76 -6.94 -14.63
CA TYR B 5 -9.83 -5.51 -15.01
C TYR B 5 -9.68 -4.57 -13.81
N THR B 6 -9.51 -5.12 -12.60
CA THR B 6 -9.33 -4.32 -11.39
C THR B 6 -7.90 -3.82 -11.23
N SER B 7 -7.49 -2.88 -12.07
CA SER B 7 -6.11 -2.37 -11.98
C SER B 7 -5.88 -1.68 -10.65
N PRO B 8 -4.67 -1.78 -10.11
CA PRO B 8 -4.34 -1.08 -8.88
C PRO B 8 -4.74 0.39 -8.89
N SER B 9 -5.32 0.85 -7.76
CA SER B 9 -5.79 2.20 -7.66
C SER B 9 -5.81 2.62 -6.22
N LEU B 10 -5.51 3.90 -5.98
CA LEU B 10 -5.65 4.49 -4.65
C LEU B 10 -6.86 5.42 -4.68
N PRO B 11 -7.65 5.42 -3.58
CA PRO B 11 -8.87 6.21 -3.57
C PRO B 11 -8.63 7.69 -3.38
N ASN B 12 -9.68 8.47 -3.67
CA ASN B 12 -9.76 9.88 -3.34
C ASN B 12 -9.98 10.04 -1.83
N ILE B 13 -9.03 10.71 -1.17
CA ILE B 13 -9.08 10.84 0.28
C ILE B 13 -9.34 12.26 0.78
N THR B 14 -9.78 13.13 -0.11
CA THR B 14 -9.96 14.54 0.20
C THR B 14 -11.21 14.80 1.07
N LEU B 15 -11.16 15.90 1.82
CA LEU B 15 -12.32 16.40 2.55
C LEU B 15 -12.70 17.76 2.00
N GLY B 16 -13.90 18.22 2.33
CA GLY B 16 -14.45 19.44 1.77
C GLY B 16 -14.92 19.18 0.35
N LEU B 17 -15.36 20.24 -0.34
CA LEU B 17 -15.82 20.07 -1.70
C LEU B 17 -14.64 19.87 -2.65
N PRO B 18 -14.82 19.03 -3.69
CA PRO B 18 -13.80 18.94 -4.73
C PRO B 18 -13.55 20.32 -5.35
CL CL C . -3.17 -9.63 4.05
NA NA D . 15.37 -4.78 2.13
NA NA E . 4.36 12.66 26.14
#